data_1W8O
#
_entry.id   1W8O
#
_cell.length_a   46.712
_cell.length_b   111.168
_cell.length_c   142.195
_cell.angle_alpha   90.00
_cell.angle_beta   90.00
_cell.angle_gamma   90.00
#
_symmetry.space_group_name_H-M   'P 21 21 21'
#
loop_
_entity.id
_entity.type
_entity.pdbx_description
1 polymer 'BACTERIAL SIALIDASE'
2 branched beta-D-galactopyranose-(1-4)-alpha-D-glucopyranose
3 non-polymer 'CITRIC ACID'
4 non-polymer GLYCEROL
5 non-polymer 'SODIUM ION'
6 water water
#
_entity_poly.entity_id   1
_entity_poly.type   'polypeptide(L)'
_entity_poly.pdbx_seq_one_letter_code
;GEPLYTEQDLAVNGREGFPNYRIPALTVTPDGDLLASYDGRPTGIGAPGPNSILQRRSTDGGRTWGEQQVVSAGQTTAPI
KGFSDPSYLVDRETGTIFNFHVYSQRQGFAGSRPGTDPADPNVLHANVATSTDGGLTWSHRTITADITPDPGWRSRFAAS
GEGIQLRYGPHAGRLIQQYTIINAAGAFQAVSVYSDDHGRTWRAGEAVGVGMDENKTVELSDGRVLLNSRDSARSGYRKV
AVSTDGGHSYGPVTIDRDLPDPTNNASIIRAFPDAPAGSARAKVLLFSNAASQTSRSQGTIRMSCDDGQTWPVSKVFQPG
SMSYSTLTALPDGTYGLLYEPGTGIRYANFNLAWLGGICAPFTIPDVALEPGQQVTVPVAVTNQSGIAVPKPSLQLDASP
DWQVQGSVEPLMPGRQAKGQVTITVPAGTTPGRYRVGATLRTSAGNASTTFTVTVGLLDQARMSIADVDSEETAREDGRA
SNVIDGNPSTFWHTEWSRADAPGYPHRISLDLGGTHTISGLQYTRRQNSANEQVADYEIYTSLNGTTWDGPVASGRFTTS
LAPQRAVFPARDARYIRLVALSEQTGHKYAAVAELEVEGQR
;
_entity_poly.pdbx_strand_id   A
#
loop_
_chem_comp.id
_chem_comp.type
_chem_comp.name
_chem_comp.formula
CIT non-polymer 'CITRIC ACID' 'C6 H8 O7'
GAL D-saccharide, beta linking beta-D-galactopyranose 'C6 H12 O6'
GLC D-saccharide, alpha linking alpha-D-glucopyranose 'C6 H12 O6'
GOL non-polymer GLYCEROL 'C3 H8 O3'
NA non-polymer 'SODIUM ION' 'Na 1'
#
# COMPACT_ATOMS: atom_id res chain seq x y z
N GLY A 1 -8.85 -28.96 1.71
CA GLY A 1 -7.94 -29.76 2.61
C GLY A 1 -7.79 -29.11 3.98
N GLU A 2 -6.98 -29.71 4.83
CA GLU A 2 -6.83 -29.23 6.17
C GLU A 2 -6.07 -27.89 6.08
N PRO A 3 -6.62 -26.83 6.68
CA PRO A 3 -5.91 -25.55 6.82
C PRO A 3 -4.60 -25.70 7.57
N LEU A 4 -3.58 -24.98 7.08
CA LEU A 4 -2.24 -25.02 7.60
C LEU A 4 -1.77 -23.56 7.78
N TYR A 5 -1.34 -23.21 8.99
CA TYR A 5 -0.60 -21.97 9.29
C TYR A 5 0.30 -22.18 10.48
N THR A 6 1.64 -22.13 10.26
CA THR A 6 2.62 -22.27 11.34
C THR A 6 3.67 -21.19 11.24
N GLU A 7 4.27 -20.81 12.37
CA GLU A 7 5.37 -19.84 12.35
C GLU A 7 6.49 -20.25 13.26
N GLN A 8 7.71 -19.79 12.93
CA GLN A 8 8.84 -19.86 13.81
C GLN A 8 9.86 -18.77 13.57
N ASP A 9 10.43 -18.25 14.65
CA ASP A 9 11.41 -17.23 14.58
C ASP A 9 12.71 -17.76 14.05
N LEU A 10 13.31 -17.05 13.11
CA LEU A 10 14.62 -17.37 12.54
C LEU A 10 15.70 -16.50 13.09
N ALA A 11 15.39 -15.30 13.50
CA ALA A 11 16.38 -14.40 14.12
C ALA A 11 15.67 -13.56 15.16
N VAL A 12 16.26 -13.44 16.36
CA VAL A 12 15.77 -12.68 17.50
C VAL A 12 16.83 -11.69 17.92
N ASN A 13 16.45 -10.40 17.94
CA ASN A 13 17.32 -9.31 18.21
C ASN A 13 18.07 -9.58 19.54
N GLY A 14 19.39 -9.45 19.48
CA GLY A 14 20.27 -9.69 20.66
C GLY A 14 20.81 -11.08 20.74
N ARG A 15 20.34 -12.01 19.90
CA ARG A 15 20.75 -13.41 19.94
C ARG A 15 21.51 -13.75 18.70
N GLU A 16 22.54 -14.58 18.87
CA GLU A 16 23.37 -15.11 17.76
C GLU A 16 24.19 -14.08 16.98
N GLY A 17 24.59 -13.00 17.63
CA GLY A 17 25.67 -12.19 17.15
C GLY A 17 25.39 -10.75 16.81
N PHE A 18 24.11 -10.36 16.79
CA PHE A 18 23.72 -8.99 16.46
C PHE A 18 22.59 -8.50 17.36
N PRO A 19 22.60 -7.21 17.71
CA PRO A 19 21.52 -6.63 18.50
C PRO A 19 20.24 -6.36 17.75
N ASN A 20 20.31 -6.39 16.41
CA ASN A 20 19.20 -6.04 15.56
C ASN A 20 19.33 -6.82 14.25
N TYR A 21 18.20 -7.39 13.82
CA TYR A 21 18.04 -8.07 12.52
C TYR A 21 16.85 -7.46 11.79
N ARG A 22 17.03 -7.25 10.49
CA ARG A 22 15.94 -6.64 9.70
C ARG A 22 16.10 -7.05 8.26
N ILE A 23 15.01 -6.88 7.53
CA ILE A 23 15.00 -6.85 6.03
C ILE A 23 15.00 -8.22 5.36
N PRO A 24 13.86 -8.89 5.30
CA PRO A 24 13.79 -10.31 4.83
C PRO A 24 13.82 -10.57 3.34
N ALA A 25 14.49 -11.65 2.93
CA ALA A 25 14.51 -12.17 1.58
C ALA A 25 14.33 -13.69 1.69
N LEU A 26 13.54 -14.28 0.82
CA LEU A 26 13.26 -15.73 0.91
C LEU A 26 13.19 -16.32 -0.46
N THR A 27 13.77 -17.50 -0.64
CA THR A 27 13.64 -18.21 -1.93
C THR A 27 13.80 -19.71 -1.72
N VAL A 28 13.49 -20.46 -2.75
CA VAL A 28 13.69 -21.93 -2.74
C VAL A 28 14.76 -22.23 -3.83
N THR A 29 15.73 -23.08 -3.47
CA THR A 29 16.77 -23.40 -4.43
C THR A 29 16.27 -24.44 -5.42
N PRO A 30 16.96 -24.59 -6.54
CA PRO A 30 16.64 -25.65 -7.47
C PRO A 30 16.53 -27.05 -6.86
N ASP A 31 17.36 -27.38 -5.86
CA ASP A 31 17.27 -28.67 -5.16
C ASP A 31 16.19 -28.75 -4.06
N GLY A 32 15.48 -27.65 -3.80
CA GLY A 32 14.35 -27.67 -2.90
C GLY A 32 14.61 -27.19 -1.46
N ASP A 33 15.79 -26.67 -1.20
CA ASP A 33 16.12 -26.10 0.11
C ASP A 33 15.51 -24.71 0.14
N LEU A 34 15.09 -24.30 1.34
CA LEU A 34 14.62 -22.91 1.48
C LEU A 34 15.79 -22.12 1.99
N LEU A 35 15.95 -20.89 1.50
CA LEU A 35 16.95 -19.98 2.00
C LEU A 35 16.28 -18.72 2.52
N ALA A 36 16.61 -18.30 3.75
CA ALA A 36 16.15 -17.05 4.34
C ALA A 36 17.37 -16.17 4.55
N SER A 37 17.30 -14.91 4.08
CA SER A 37 18.39 -13.93 4.23
C SER A 37 17.85 -12.65 4.82
N TYR A 38 18.71 -11.93 5.52
CA TYR A 38 18.36 -10.74 6.29
C TYR A 38 19.68 -10.09 6.73
N ASP A 39 19.55 -8.84 7.14
CA ASP A 39 20.65 -8.05 7.59
C ASP A 39 20.96 -8.40 9.08
N GLY A 40 22.21 -8.53 9.45
CA GLY A 40 22.63 -8.29 10.83
C GLY A 40 23.19 -6.90 10.97
N ARG A 41 22.70 -6.15 11.96
CA ARG A 41 22.98 -4.72 12.05
C ARG A 41 23.66 -4.43 13.41
N PRO A 42 24.98 -4.37 13.43
CA PRO A 42 25.71 -4.23 14.71
C PRO A 42 25.43 -2.94 15.44
N THR A 43 25.03 -1.92 14.70
CA THR A 43 24.68 -0.64 15.33
C THR A 43 23.23 -0.24 15.14
N GLY A 44 22.37 -1.15 14.69
CA GLY A 44 20.95 -0.94 14.65
C GLY A 44 20.36 -0.07 13.53
N ILE A 45 21.17 0.20 12.52
CA ILE A 45 20.83 1.15 11.43
C ILE A 45 21.05 0.54 10.06
N GLY A 46 20.40 1.13 9.06
CA GLY A 46 20.62 0.75 7.67
C GLY A 46 21.94 1.35 7.20
N ALA A 47 22.24 1.26 5.92
CA ALA A 47 23.49 1.84 5.40
C ALA A 47 23.59 3.32 5.87
N PRO A 48 24.78 3.86 6.26
CA PRO A 48 26.12 3.25 6.17
C PRO A 48 26.54 2.47 7.45
N GLY A 49 25.58 1.93 8.15
CA GLY A 49 25.93 0.96 9.23
C GLY A 49 26.78 -0.18 8.66
N PRO A 50 27.73 -0.70 9.45
CA PRO A 50 28.66 -1.75 9.00
C PRO A 50 28.02 -3.13 9.03
N ASN A 51 26.95 -3.26 8.26
CA ASN A 51 26.08 -4.42 8.32
C ASN A 51 26.57 -5.60 7.52
N SER A 52 25.99 -6.75 7.83
CA SER A 52 26.22 -8.01 7.15
C SER A 52 24.93 -8.63 6.60
N ILE A 53 25.09 -9.30 5.48
CA ILE A 53 24.03 -10.12 4.87
C ILE A 53 24.19 -11.50 5.38
N LEU A 54 23.15 -12.00 6.03
CA LEU A 54 23.13 -13.35 6.67
C LEU A 54 22.20 -14.31 5.95
N GLN A 55 22.35 -15.61 6.16
CA GLN A 55 21.51 -16.62 5.53
C GLN A 55 21.31 -17.81 6.48
N ARG A 56 20.11 -18.37 6.53
CA ARG A 56 19.79 -19.66 7.09
C ARG A 56 19.14 -20.55 6.04
N ARG A 57 19.47 -21.82 6.13
CA ARG A 57 18.97 -22.82 5.14
C ARG A 57 18.09 -23.84 5.84
N SER A 58 16.98 -24.23 5.18
CA SER A 58 16.17 -25.38 5.64
C SER A 58 16.20 -26.44 4.59
N THR A 59 16.64 -27.63 4.98
CA THR A 59 16.60 -28.80 4.05
C THR A 59 15.41 -29.77 4.28
N ASP A 60 14.50 -29.42 5.16
CA ASP A 60 13.30 -30.23 5.42
C ASP A 60 11.98 -29.46 5.24
N GLY A 61 11.96 -28.62 4.20
CA GLY A 61 10.75 -27.92 3.75
C GLY A 61 10.32 -26.78 4.65
N GLY A 62 11.23 -26.36 5.52
CA GLY A 62 10.96 -25.24 6.44
C GLY A 62 10.67 -25.62 7.85
N ARG A 63 10.74 -26.91 8.22
CA ARG A 63 10.45 -27.28 9.60
C ARG A 63 11.57 -26.94 10.52
N THR A 64 12.81 -27.15 10.07
CA THR A 64 13.99 -26.85 10.87
C THR A 64 15.03 -26.14 10.03
N TRP A 65 15.78 -25.26 10.71
CA TRP A 65 16.70 -24.42 10.03
C TRP A 65 18.12 -24.57 10.56
N GLY A 66 19.08 -24.46 9.65
CA GLY A 66 20.51 -24.55 9.88
C GLY A 66 21.14 -23.31 10.54
N GLU A 67 22.45 -23.32 10.74
CA GLU A 67 23.06 -22.25 11.46
C GLU A 67 23.10 -20.97 10.61
N GLN A 68 23.10 -19.86 11.27
CA GLN A 68 23.24 -18.56 10.60
C GLN A 68 24.60 -18.39 10.01
N GLN A 69 24.68 -18.09 8.71
CA GLN A 69 25.90 -17.97 7.98
C GLN A 69 26.03 -16.60 7.36
N VAL A 70 27.28 -16.20 7.05
CA VAL A 70 27.52 -14.85 6.50
C VAL A 70 27.65 -14.95 4.99
N VAL A 71 26.78 -14.24 4.28
CA VAL A 71 26.89 -14.10 2.83
C VAL A 71 27.95 -13.01 2.50
N SER A 72 27.76 -11.84 3.11
CA SER A 72 28.60 -10.68 2.90
C SER A 72 28.86 -10.03 4.23
N ALA A 73 30.13 -9.96 4.61
CA ALA A 73 30.53 -9.45 5.93
C ALA A 73 30.87 -7.98 5.96
N GLY A 74 30.16 -7.26 6.80
CA GLY A 74 30.49 -5.88 7.14
C GLY A 74 31.85 -5.82 7.82
N GLN A 75 32.46 -4.65 7.74
CA GLN A 75 33.83 -4.42 8.33
C GLN A 75 33.82 -3.11 9.09
N THR A 76 34.15 -3.22 10.39
CA THR A 76 34.21 -2.08 11.31
C THR A 76 35.62 -1.49 11.49
N THR A 77 36.62 -2.10 10.92
CA THR A 77 37.97 -1.54 10.92
C THR A 77 38.19 -0.97 9.54
N ALA A 78 39.16 -0.07 9.43
CA ALA A 78 39.38 0.59 8.14
C ALA A 78 39.90 -0.41 7.10
N PRO A 79 39.38 -0.36 5.87
CA PRO A 79 38.29 0.50 5.42
C PRO A 79 36.89 -0.02 5.74
N ILE A 80 36.04 0.88 6.19
CA ILE A 80 34.70 0.51 6.68
C ILE A 80 33.88 0.03 5.48
N LYS A 81 33.12 -1.02 5.69
CA LYS A 81 32.20 -1.56 4.67
C LYS A 81 30.92 -2.02 5.34
N GLY A 82 29.79 -1.81 4.67
CA GLY A 82 28.52 -2.33 5.09
C GLY A 82 27.80 -2.98 3.94
N PHE A 83 27.06 -4.07 4.20
CA PHE A 83 26.23 -4.79 3.19
C PHE A 83 24.81 -4.98 3.78
N SER A 84 23.77 -4.45 3.08
CA SER A 84 22.42 -4.35 3.65
C SER A 84 21.36 -4.58 2.56
N ASP A 85 20.20 -5.09 3.00
CA ASP A 85 18.94 -5.16 2.24
C ASP A 85 18.97 -6.19 1.15
N PRO A 86 18.92 -7.46 1.51
CA PRO A 86 19.03 -8.51 0.52
C PRO A 86 17.77 -8.74 -0.35
N SER A 87 18.00 -9.14 -1.58
CA SER A 87 16.97 -9.72 -2.47
C SER A 87 17.52 -10.92 -3.20
N TYR A 88 16.83 -12.07 -3.11
CA TYR A 88 17.23 -13.29 -3.77
C TYR A 88 16.66 -13.26 -5.18
N LEU A 89 17.38 -13.92 -6.09
CA LEU A 89 16.84 -14.18 -7.44
C LEU A 89 17.44 -15.48 -7.93
N VAL A 90 16.60 -16.46 -8.25
CA VAL A 90 17.08 -17.74 -8.76
C VAL A 90 16.86 -17.82 -10.25
N ASP A 91 17.92 -18.15 -10.98
CA ASP A 91 17.80 -18.55 -12.38
C ASP A 91 17.48 -20.04 -12.40
N ARG A 92 16.24 -20.39 -12.71
CA ARG A 92 15.74 -21.75 -12.68
C ARG A 92 16.16 -22.54 -13.94
N GLU A 93 16.68 -21.85 -14.94
CA GLU A 93 17.17 -22.48 -16.15
C GLU A 93 18.62 -22.94 -15.98
N THR A 94 19.43 -22.17 -15.26
CA THR A 94 20.82 -22.54 -14.98
C THR A 94 21.11 -23.10 -13.60
N GLY A 95 20.28 -22.79 -12.61
CA GLY A 95 20.52 -23.19 -11.27
C GLY A 95 21.24 -22.17 -10.43
N THR A 96 21.67 -21.07 -11.01
CA THR A 96 22.47 -20.06 -10.28
C THR A 96 21.57 -19.25 -9.34
N ILE A 97 22.10 -18.86 -8.18
CA ILE A 97 21.34 -18.04 -7.19
C ILE A 97 22.07 -16.72 -7.00
N PHE A 98 21.32 -15.61 -7.04
CA PHE A 98 21.85 -14.28 -6.80
C PHE A 98 21.26 -13.72 -5.53
N ASN A 99 22.05 -12.91 -4.81
CA ASN A 99 21.61 -12.13 -3.67
C ASN A 99 22.12 -10.72 -3.86
N PHE A 100 21.22 -9.82 -4.23
CA PHE A 100 21.50 -8.41 -4.37
C PHE A 100 21.47 -7.69 -3.05
N HIS A 101 22.32 -6.69 -2.88
CA HIS A 101 22.35 -5.88 -1.64
C HIS A 101 23.19 -4.63 -1.87
N VAL A 102 23.01 -3.65 -1.00
CA VAL A 102 23.84 -2.48 -1.06
C VAL A 102 25.25 -2.81 -0.56
N TYR A 103 26.17 -1.99 -1.03
CA TYR A 103 27.56 -1.95 -0.52
C TYR A 103 27.83 -0.50 -0.16
N SER A 104 27.87 -0.22 1.13
CA SER A 104 28.08 1.11 1.65
C SER A 104 29.51 1.29 2.21
N GLN A 105 29.97 2.53 2.18
CA GLN A 105 31.23 2.92 2.82
C GLN A 105 30.87 4.10 3.68
N ARG A 106 30.88 5.33 3.13
CA ARG A 106 30.64 6.54 3.90
C ARG A 106 29.18 6.98 3.90
N GLN A 107 28.40 6.62 2.84
CA GLN A 107 27.04 7.15 2.66
C GLN A 107 25.96 6.06 2.58
N GLY A 108 24.78 6.39 3.08
CA GLY A 108 23.56 5.64 2.95
C GLY A 108 22.85 6.12 1.68
N PHE A 109 21.60 5.72 1.57
CA PHE A 109 20.83 5.98 0.34
C PHE A 109 20.62 7.48 0.08
N ALA A 110 20.20 8.20 1.09
CA ALA A 110 19.91 9.65 0.96
C ALA A 110 21.14 10.48 0.71
N GLY A 111 22.28 10.07 1.28
CA GLY A 111 23.52 10.84 1.21
C GLY A 111 24.44 10.49 0.03
N SER A 112 24.14 9.42 -0.71
CA SER A 112 24.98 8.99 -1.82
C SER A 112 25.17 10.11 -2.89
N ARG A 113 26.39 10.18 -3.38
CA ARG A 113 26.78 11.16 -4.42
C ARG A 113 26.93 10.51 -5.76
N PRO A 114 26.82 11.31 -6.83
CA PRO A 114 27.01 10.79 -8.15
C PRO A 114 28.36 10.11 -8.34
N GLY A 115 28.38 9.09 -9.22
CA GLY A 115 29.58 8.34 -9.50
C GLY A 115 29.38 6.84 -9.41
N THR A 116 30.24 6.10 -10.08
CA THR A 116 30.12 4.63 -10.11
C THR A 116 31.43 3.90 -9.83
N ASP A 117 32.49 4.61 -9.40
CA ASP A 117 33.78 3.97 -9.15
C ASP A 117 33.65 3.18 -7.85
N PRO A 118 33.89 1.87 -7.89
CA PRO A 118 33.83 1.07 -6.66
C PRO A 118 34.66 1.59 -5.49
N ALA A 119 35.77 2.26 -5.78
CA ALA A 119 36.63 2.80 -4.74
C ALA A 119 36.16 4.12 -4.13
N ASP A 120 35.12 4.74 -4.70
CA ASP A 120 34.61 6.03 -4.20
C ASP A 120 33.72 5.76 -2.97
N PRO A 121 34.14 6.19 -1.78
CA PRO A 121 33.40 5.88 -0.55
C PRO A 121 32.10 6.65 -0.42
N ASN A 122 31.89 7.67 -1.26
CA ASN A 122 30.69 8.46 -1.14
C ASN A 122 29.53 8.02 -2.06
N VAL A 123 29.75 6.93 -2.77
CA VAL A 123 28.71 6.25 -3.54
C VAL A 123 28.08 5.10 -2.74
N LEU A 124 26.75 4.98 -2.80
CA LEU A 124 26.04 3.75 -2.34
C LEU A 124 26.04 2.76 -3.50
N HIS A 125 26.83 1.71 -3.41
CA HIS A 125 27.05 0.83 -4.50
C HIS A 125 25.97 -0.27 -4.54
N ALA A 126 25.74 -0.78 -5.74
CA ALA A 126 24.86 -1.90 -6.04
C ALA A 126 25.74 -3.11 -6.16
N ASN A 127 25.65 -4.00 -5.18
CA ASN A 127 26.35 -5.30 -5.25
C ASN A 127 25.45 -6.49 -5.52
N VAL A 128 26.08 -7.57 -5.96
CA VAL A 128 25.36 -8.85 -6.08
C VAL A 128 26.32 -9.93 -5.75
N ALA A 129 25.87 -10.86 -4.93
CA ALA A 129 26.55 -12.11 -4.64
C ALA A 129 25.96 -13.20 -5.51
N THR A 130 26.83 -14.05 -6.10
CA THR A 130 26.39 -15.14 -6.99
C THR A 130 26.82 -16.47 -6.40
N SER A 131 25.96 -17.47 -6.46
CA SER A 131 26.30 -18.84 -6.01
C SER A 131 25.90 -19.84 -7.07
N THR A 132 26.85 -20.74 -7.40
CA THR A 132 26.58 -21.82 -8.35
C THR A 132 26.45 -23.13 -7.60
N ASP A 133 26.48 -23.08 -6.27
CA ASP A 133 26.33 -24.31 -5.47
C ASP A 133 25.17 -24.29 -4.48
N GLY A 134 24.04 -23.70 -4.88
CA GLY A 134 22.81 -23.74 -4.07
C GLY A 134 22.90 -22.84 -2.86
N GLY A 135 23.73 -21.80 -2.93
CA GLY A 135 23.87 -20.89 -1.84
C GLY A 135 24.85 -21.29 -0.76
N LEU A 136 25.66 -22.29 -1.03
CA LEU A 136 26.67 -22.69 -0.04
C LEU A 136 27.84 -21.72 0.04
N THR A 137 28.34 -21.30 -1.12
CA THR A 137 29.39 -20.28 -1.24
C THR A 137 29.02 -19.27 -2.30
N TRP A 138 29.67 -18.11 -2.16
CA TRP A 138 29.35 -16.89 -2.94
C TRP A 138 30.59 -16.19 -3.43
N SER A 139 30.50 -15.69 -4.66
CA SER A 139 31.37 -14.65 -5.17
C SER A 139 30.62 -13.31 -5.11
N HIS A 140 31.38 -12.22 -5.18
CA HIS A 140 30.84 -10.87 -5.03
C HIS A 140 31.25 -9.97 -6.16
N ARG A 141 30.33 -9.14 -6.63
CA ARG A 141 30.59 -8.16 -7.63
C ARG A 141 29.88 -6.88 -7.37
N THR A 142 30.42 -5.78 -7.88
CA THR A 142 29.74 -4.47 -7.83
C THR A 142 29.29 -4.16 -9.23
N ILE A 143 28.02 -3.77 -9.41
CA ILE A 143 27.41 -3.53 -10.74
C ILE A 143 26.92 -2.14 -10.96
N THR A 144 27.28 -1.20 -10.10
CA THR A 144 26.75 0.13 -10.17
C THR A 144 26.97 0.73 -11.54
N ALA A 145 28.19 0.60 -12.03
CA ALA A 145 28.53 1.17 -13.32
C ALA A 145 27.69 0.61 -14.46
N ASP A 146 27.22 -0.61 -14.35
CA ASP A 146 26.39 -1.22 -15.40
C ASP A 146 24.94 -0.78 -15.39
N ILE A 147 24.48 -0.26 -14.26
CA ILE A 147 23.04 -0.01 -14.09
C ILE A 147 22.75 1.48 -13.84
N THR A 148 23.68 2.38 -14.29
CA THR A 148 23.57 3.83 -14.10
C THR A 148 23.74 4.52 -15.45
N PRO A 149 22.77 4.33 -16.33
CA PRO A 149 22.82 4.93 -17.68
C PRO A 149 22.72 6.44 -17.73
N ASP A 150 22.23 7.06 -16.66
CA ASP A 150 22.09 8.50 -16.51
C ASP A 150 22.98 8.91 -15.37
N PRO A 151 24.00 9.73 -15.62
CA PRO A 151 24.94 10.15 -14.59
C PRO A 151 24.32 10.91 -13.45
N GLY A 152 23.10 11.42 -13.62
CA GLY A 152 22.39 12.11 -12.57
C GLY A 152 21.72 11.23 -11.50
N TRP A 153 21.65 9.94 -11.79
CA TRP A 153 21.14 8.95 -10.82
C TRP A 153 22.28 8.82 -9.78
N ARG A 154 22.05 9.47 -8.65
CA ARG A 154 23.12 9.56 -7.62
C ARG A 154 23.06 8.49 -6.54
N SER A 155 22.03 7.66 -6.53
CA SER A 155 21.83 6.66 -5.49
C SER A 155 20.88 5.58 -5.98
N ARG A 156 21.03 4.37 -5.46
CA ARG A 156 20.14 3.28 -5.76
C ARG A 156 20.23 2.19 -4.71
N PHE A 157 19.13 1.43 -4.61
CA PHE A 157 19.12 0.16 -3.84
C PHE A 157 18.11 -0.81 -4.39
N ALA A 158 18.49 -2.06 -4.46
CA ALA A 158 17.64 -3.17 -4.84
C ALA A 158 16.56 -3.30 -3.78
N ALA A 159 15.31 -3.44 -4.21
CA ALA A 159 14.22 -3.64 -3.31
C ALA A 159 14.34 -5.01 -2.62
N SER A 160 14.39 -5.02 -1.28
CA SER A 160 14.53 -6.34 -0.59
C SER A 160 13.37 -7.25 -0.82
N GLY A 161 13.62 -8.55 -0.83
CA GLY A 161 12.67 -9.61 -1.02
C GLY A 161 13.14 -10.65 -2.03
N GLU A 162 12.46 -10.74 -3.18
CA GLU A 162 12.84 -11.73 -4.16
C GLU A 162 12.45 -11.24 -5.53
N GLY A 163 13.35 -11.36 -6.49
CA GLY A 163 13.05 -10.97 -7.89
C GLY A 163 12.55 -12.21 -8.65
N ILE A 164 12.43 -12.08 -9.97
CA ILE A 164 11.76 -13.07 -10.80
C ILE A 164 12.57 -13.39 -12.06
N GLN A 165 12.17 -14.51 -12.66
CA GLN A 165 12.59 -14.89 -14.01
C GLN A 165 11.34 -15.03 -14.89
N LEU A 166 11.36 -14.35 -16.02
CA LEU A 166 10.25 -14.45 -17.00
C LEU A 166 10.19 -15.84 -17.58
N ARG A 167 8.98 -16.36 -17.76
CA ARG A 167 8.81 -17.66 -18.42
C ARG A 167 8.19 -17.56 -19.81
N TYR A 168 7.53 -16.43 -20.09
CA TYR A 168 6.75 -16.14 -21.32
C TYR A 168 7.40 -15.13 -22.19
N GLY A 169 7.05 -15.16 -23.48
CA GLY A 169 7.35 -14.10 -24.35
C GLY A 169 8.75 -14.09 -24.99
N PRO A 170 9.01 -13.10 -25.81
CA PRO A 170 10.30 -12.92 -26.49
C PRO A 170 11.52 -12.69 -25.60
N HIS A 171 11.25 -12.23 -24.38
CA HIS A 171 12.31 -12.10 -23.37
C HIS A 171 12.28 -13.17 -22.30
N ALA A 172 11.64 -14.31 -22.59
CA ALA A 172 11.54 -15.42 -21.69
C ALA A 172 12.94 -15.77 -21.19
N GLY A 173 13.10 -16.09 -19.89
CA GLY A 173 14.45 -16.32 -19.31
C GLY A 173 15.09 -15.08 -18.62
N ARG A 174 14.64 -13.86 -18.95
CA ARG A 174 15.13 -12.67 -18.35
C ARG A 174 15.00 -12.69 -16.83
N LEU A 175 16.07 -12.24 -16.17
CA LEU A 175 16.10 -12.09 -14.72
C LEU A 175 15.86 -10.63 -14.44
N ILE A 176 14.90 -10.34 -13.52
CA ILE A 176 14.49 -9.02 -13.19
C ILE A 176 14.53 -8.78 -11.67
N GLN A 177 15.29 -7.78 -11.28
CA GLN A 177 15.40 -7.28 -9.93
C GLN A 177 15.03 -5.80 -9.93
N GLN A 178 14.11 -5.43 -9.05
CA GLN A 178 13.71 -4.07 -8.93
C GLN A 178 14.68 -3.22 -8.10
N TYR A 179 14.83 -1.99 -8.50
CA TYR A 179 15.53 -0.98 -7.75
C TYR A 179 14.69 0.28 -7.55
N THR A 180 15.12 1.06 -6.56
CA THR A 180 14.76 2.48 -6.42
C THR A 180 16.01 3.30 -6.71
N ILE A 181 15.86 4.40 -7.46
CA ILE A 181 16.97 5.34 -7.70
C ILE A 181 16.58 6.73 -7.20
N ILE A 182 17.58 7.58 -6.91
CA ILE A 182 17.36 9.04 -6.70
C ILE A 182 17.94 9.76 -7.92
N ASN A 183 17.11 10.53 -8.60
CA ASN A 183 17.59 11.28 -9.79
C ASN A 183 18.15 12.64 -9.46
N ALA A 184 18.53 13.41 -10.51
CA ALA A 184 19.14 14.68 -10.24
C ALA A 184 18.25 15.70 -9.60
N ALA A 185 16.95 15.57 -9.77
CA ALA A 185 15.95 16.44 -9.13
C ALA A 185 15.63 16.04 -7.69
N GLY A 186 16.18 14.90 -7.26
CA GLY A 186 15.97 14.41 -5.91
C GLY A 186 14.76 13.51 -5.80
N ALA A 187 14.13 13.19 -6.93
CA ALA A 187 12.96 12.34 -6.93
C ALA A 187 13.34 10.85 -6.82
N PHE A 188 12.46 10.10 -6.14
CA PHE A 188 12.63 8.64 -6.01
C PHE A 188 11.84 7.96 -7.16
N GLN A 189 12.52 7.17 -8.01
CA GLN A 189 11.89 6.48 -9.12
C GLN A 189 12.16 4.99 -9.02
N ALA A 190 11.32 4.21 -9.69
CA ALA A 190 11.49 2.77 -9.79
C ALA A 190 12.15 2.43 -11.10
N VAL A 191 12.96 1.38 -11.10
CA VAL A 191 13.62 0.95 -12.35
C VAL A 191 13.87 -0.57 -12.29
N SER A 192 13.59 -1.32 -13.36
CA SER A 192 13.93 -2.74 -13.37
C SER A 192 15.38 -2.87 -13.86
N VAL A 193 16.13 -3.66 -13.11
CA VAL A 193 17.47 -4.10 -13.52
C VAL A 193 17.35 -5.54 -13.97
N TYR A 194 17.94 -5.84 -15.15
CA TYR A 194 17.72 -7.13 -15.72
C TYR A 194 18.90 -7.69 -16.52
N SER A 195 18.85 -9.00 -16.68
CA SER A 195 19.86 -9.76 -17.42
C SER A 195 19.18 -10.75 -18.37
N ASP A 196 19.68 -10.76 -19.60
CA ASP A 196 19.21 -11.69 -20.61
C ASP A 196 20.31 -12.76 -20.90
N ASP A 197 21.38 -12.77 -20.09
CA ASP A 197 22.40 -13.79 -20.21
C ASP A 197 22.71 -14.49 -18.93
N HIS A 198 21.63 -14.81 -18.22
CA HIS A 198 21.70 -15.66 -17.04
C HIS A 198 22.57 -15.05 -15.98
N GLY A 199 22.63 -13.73 -15.94
CA GLY A 199 23.34 -13.04 -14.85
C GLY A 199 24.78 -12.71 -15.06
N ARG A 200 25.26 -12.97 -16.27
CA ARG A 200 26.62 -12.52 -16.63
C ARG A 200 26.73 -11.02 -16.72
N THR A 201 25.74 -10.34 -17.35
CA THR A 201 25.72 -8.93 -17.39
C THR A 201 24.28 -8.43 -17.03
N TRP A 202 24.26 -7.23 -16.50
CA TRP A 202 23.06 -6.57 -16.00
C TRP A 202 22.96 -5.17 -16.60
N ARG A 203 21.74 -4.67 -16.84
CA ARG A 203 21.59 -3.29 -17.16
C ARG A 203 20.28 -2.77 -16.55
N ALA A 204 20.14 -1.46 -16.56
CA ALA A 204 18.90 -0.82 -16.09
C ALA A 204 17.92 -0.62 -17.28
N GLY A 205 16.64 -0.74 -17.03
CA GLY A 205 15.60 -0.21 -17.94
C GLY A 205 15.36 1.28 -17.81
N GLU A 206 14.16 1.73 -18.21
CA GLU A 206 13.77 3.09 -18.12
C GLU A 206 13.07 3.26 -16.78
N ALA A 207 13.42 4.34 -16.13
CA ALA A 207 12.90 4.62 -14.76
C ALA A 207 11.45 5.03 -14.90
N VAL A 208 10.68 4.81 -13.84
CA VAL A 208 9.26 5.14 -13.85
C VAL A 208 8.83 5.77 -12.56
N GLY A 209 8.00 6.82 -12.67
CA GLY A 209 7.31 7.36 -11.55
C GLY A 209 8.02 8.43 -10.77
N VAL A 210 7.28 9.06 -9.88
CA VAL A 210 7.91 9.86 -8.83
C VAL A 210 7.27 9.43 -7.52
N GLY A 211 7.87 9.76 -6.39
CA GLY A 211 7.28 9.30 -5.15
C GLY A 211 7.28 7.77 -4.97
N MET A 212 8.24 7.13 -5.63
CA MET A 212 8.32 5.70 -5.62
C MET A 212 9.26 5.31 -4.45
N ASP A 213 9.43 4.02 -4.30
CA ASP A 213 10.28 3.47 -3.22
C ASP A 213 10.43 1.97 -3.55
N GLU A 214 10.71 1.14 -2.54
CA GLU A 214 10.77 -0.27 -2.75
C GLU A 214 9.58 -0.76 -3.52
N ASN A 215 9.87 -1.56 -4.52
CA ASN A 215 8.89 -2.00 -5.53
C ASN A 215 9.16 -3.38 -6.00
N LYS A 216 8.13 -4.09 -6.46
CA LYS A 216 8.19 -5.48 -6.80
C LYS A 216 7.50 -5.67 -8.15
N THR A 217 7.97 -6.67 -8.88
CA THR A 217 7.35 -7.07 -10.18
C THR A 217 6.93 -8.53 -10.21
N VAL A 218 5.97 -8.85 -11.10
CA VAL A 218 5.38 -10.19 -11.20
C VAL A 218 4.93 -10.31 -12.67
N GLU A 219 5.13 -11.48 -13.24
CA GLU A 219 4.70 -11.78 -14.62
C GLU A 219 3.26 -12.29 -14.62
N LEU A 220 2.41 -11.58 -15.35
CA LEU A 220 0.99 -11.88 -15.45
C LEU A 220 0.74 -12.99 -16.46
N SER A 221 -0.50 -13.46 -16.57
CA SER A 221 -0.85 -14.66 -17.37
C SER A 221 -0.56 -14.49 -18.86
N ASP A 222 -0.55 -13.26 -19.30
CA ASP A 222 -0.29 -12.84 -20.67
C ASP A 222 1.07 -12.25 -20.96
N GLY A 223 1.97 -12.41 -20.00
CA GLY A 223 3.32 -11.87 -20.16
C GLY A 223 3.62 -10.45 -19.76
N ARG A 224 2.59 -9.62 -19.54
CA ARG A 224 2.86 -8.27 -19.14
C ARG A 224 3.53 -8.44 -17.75
N VAL A 225 4.26 -7.43 -17.35
CA VAL A 225 4.93 -7.38 -16.01
C VAL A 225 4.27 -6.26 -15.23
N LEU A 226 3.79 -6.60 -14.03
CA LEU A 226 3.05 -5.72 -13.21
C LEU A 226 4.06 -5.26 -12.12
N LEU A 227 4.16 -3.97 -11.93
CA LEU A 227 4.97 -3.32 -10.88
C LEU A 227 4.05 -2.83 -9.76
N ASN A 228 4.43 -3.09 -8.51
CA ASN A 228 3.60 -2.77 -7.33
C ASN A 228 4.60 -2.12 -6.32
N SER A 229 4.41 -0.84 -6.02
CA SER A 229 5.36 -0.05 -5.24
C SER A 229 4.84 0.54 -3.95
N ARG A 230 5.76 0.59 -2.98
CA ARG A 230 5.64 1.49 -1.86
C ARG A 230 5.60 2.94 -2.35
N ASP A 231 4.78 3.77 -1.68
CA ASP A 231 4.62 5.18 -2.07
C ASP A 231 5.33 6.07 -1.07
N SER A 232 6.47 6.63 -1.46
CA SER A 232 7.27 7.53 -0.60
C SER A 232 6.59 8.87 -0.38
N ALA A 233 5.58 9.17 -1.17
CA ALA A 233 4.69 10.32 -0.95
C ALA A 233 3.55 10.03 0.03
N ARG A 234 3.46 8.80 0.54
CA ARG A 234 2.58 8.53 1.68
C ARG A 234 1.06 8.65 1.41
N SER A 235 0.58 8.21 0.27
CA SER A 235 -0.87 8.18 0.02
C SER A 235 -1.74 7.30 0.92
N GLY A 236 -1.15 6.25 1.52
CA GLY A 236 -1.96 5.30 2.21
C GLY A 236 -2.22 4.06 1.39
N TYR A 237 -1.66 4.04 0.16
CA TYR A 237 -1.92 2.94 -0.76
C TYR A 237 -0.68 2.55 -1.52
N ARG A 238 -0.77 1.38 -2.17
CA ARG A 238 0.29 0.95 -3.11
C ARG A 238 0.11 1.65 -4.44
N LYS A 239 1.21 1.80 -5.17
CA LYS A 239 1.22 2.34 -6.55
C LYS A 239 1.49 1.19 -7.53
N VAL A 240 0.94 1.30 -8.76
CA VAL A 240 0.97 0.22 -9.70
C VAL A 240 1.26 0.79 -11.09
N ALA A 241 1.95 0.00 -11.89
CA ALA A 241 2.24 0.30 -13.31
C ALA A 241 2.43 -1.01 -14.03
N VAL A 242 2.36 -0.99 -15.36
CA VAL A 242 2.47 -2.21 -16.09
C VAL A 242 3.36 -2.02 -17.32
N SER A 243 4.14 -3.05 -17.61
CA SER A 243 5.05 -3.12 -18.81
C SER A 243 4.58 -4.18 -19.80
N THR A 244 4.70 -3.88 -21.10
CA THR A 244 4.45 -4.93 -22.09
C THR A 244 5.68 -5.29 -22.90
N ASP A 245 6.84 -4.87 -22.40
CA ASP A 245 8.14 -5.11 -23.05
C ASP A 245 9.14 -5.79 -22.08
N GLY A 246 8.59 -6.61 -21.19
CA GLY A 246 9.42 -7.47 -20.31
C GLY A 246 10.14 -6.72 -19.22
N GLY A 247 9.55 -5.62 -18.76
CA GLY A 247 10.15 -4.74 -17.71
C GLY A 247 11.11 -3.70 -18.09
N HIS A 248 11.39 -3.57 -19.39
CA HIS A 248 12.20 -2.49 -19.83
C HIS A 248 11.61 -1.09 -19.54
N SER A 249 10.33 -0.90 -19.84
CA SER A 249 9.65 0.37 -19.61
C SER A 249 8.20 0.08 -19.18
N TYR A 250 7.67 1.03 -18.46
CA TYR A 250 6.33 0.92 -17.86
C TYR A 250 5.45 2.09 -18.31
N GLY A 251 4.15 1.88 -18.22
CA GLY A 251 3.18 2.91 -18.44
C GLY A 251 3.00 3.81 -17.22
N PRO A 252 1.93 4.59 -17.20
CA PRO A 252 1.75 5.54 -16.10
C PRO A 252 1.54 4.79 -14.76
N VAL A 253 1.93 5.48 -13.71
CA VAL A 253 1.75 5.00 -12.34
C VAL A 253 0.43 5.50 -11.76
N THR A 254 -0.33 4.58 -11.18
CA THR A 254 -1.56 4.94 -10.51
C THR A 254 -1.58 4.46 -9.06
N ILE A 255 -2.44 5.08 -8.27
CA ILE A 255 -2.70 4.62 -6.90
C ILE A 255 -3.72 3.47 -6.89
N ASP A 256 -3.40 2.36 -6.22
CA ASP A 256 -4.33 1.24 -6.19
C ASP A 256 -5.10 1.23 -4.92
N ARG A 257 -6.35 1.76 -4.96
CA ARG A 257 -7.06 1.93 -3.71
C ARG A 257 -7.62 0.68 -3.12
N ASP A 258 -7.46 -0.46 -3.83
CA ASP A 258 -7.81 -1.75 -3.27
C ASP A 258 -6.73 -2.25 -2.22
N LEU A 259 -5.56 -1.60 -2.21
CA LEU A 259 -4.37 -2.10 -1.48
C LEU A 259 -3.86 -1.05 -0.52
N PRO A 260 -4.53 -0.86 0.62
CA PRO A 260 -4.04 0.12 1.62
C PRO A 260 -2.64 -0.32 2.13
N ASP A 261 -1.79 0.64 2.51
CA ASP A 261 -0.38 0.45 2.85
C ASP A 261 0.11 1.65 3.66
N PRO A 262 0.86 1.43 4.74
CA PRO A 262 1.33 2.50 5.59
C PRO A 262 2.69 3.13 5.20
N THR A 263 3.17 2.87 3.96
CA THR A 263 4.51 3.22 3.39
C THR A 263 5.53 2.22 3.95
N ASN A 264 5.51 1.06 3.36
CA ASN A 264 6.19 -0.12 3.94
C ASN A 264 6.42 -1.07 2.74
N ASN A 265 7.35 -2.01 2.90
CA ASN A 265 7.57 -3.00 1.86
C ASN A 265 6.40 -4.01 1.85
N ALA A 266 6.36 -4.81 0.77
CA ALA A 266 5.29 -5.77 0.50
C ALA A 266 5.77 -6.73 -0.57
N SER A 267 5.01 -7.77 -0.79
CA SER A 267 5.40 -8.74 -1.81
C SER A 267 4.21 -9.14 -2.61
N ILE A 268 4.47 -9.55 -3.85
CA ILE A 268 3.45 -10.02 -4.78
C ILE A 268 4.06 -11.13 -5.62
N ILE A 269 3.36 -12.26 -5.66
CA ILE A 269 3.87 -13.42 -6.38
C ILE A 269 2.79 -14.15 -7.16
N ARG A 270 3.27 -14.89 -8.16
CA ARG A 270 2.42 -15.93 -8.77
C ARG A 270 2.14 -17.07 -7.84
N ALA A 271 0.85 -17.45 -7.69
CA ALA A 271 0.51 -18.62 -6.86
C ALA A 271 0.92 -19.93 -7.51
N PHE A 272 0.90 -19.95 -8.83
CA PHE A 272 1.18 -21.13 -9.66
C PHE A 272 2.17 -20.69 -10.76
N PRO A 273 3.43 -20.57 -10.39
CA PRO A 273 4.42 -19.99 -11.27
C PRO A 273 4.73 -20.84 -12.52
N ASP A 274 4.42 -22.12 -12.48
CA ASP A 274 4.69 -23.01 -13.60
C ASP A 274 3.48 -23.11 -14.54
N ALA A 275 2.39 -22.40 -14.24
CA ALA A 275 1.16 -22.56 -15.04
C ALA A 275 1.36 -22.01 -16.45
N PRO A 276 0.73 -22.62 -17.46
CA PRO A 276 0.93 -22.11 -18.80
C PRO A 276 0.31 -20.77 -19.09
N ALA A 277 0.87 -20.03 -20.01
CA ALA A 277 0.34 -18.74 -20.40
C ALA A 277 -1.13 -18.83 -20.74
N GLY A 278 -1.87 -17.84 -20.26
CA GLY A 278 -3.31 -17.76 -20.47
C GLY A 278 -4.19 -18.68 -19.68
N SER A 279 -3.63 -19.61 -18.90
CA SER A 279 -4.45 -20.49 -18.11
C SER A 279 -5.10 -19.76 -16.94
N ALA A 280 -6.16 -20.37 -16.39
CA ALA A 280 -6.82 -19.81 -15.21
C ALA A 280 -5.82 -19.71 -14.07
N ARG A 281 -5.04 -20.76 -13.86
CA ARG A 281 -4.05 -20.79 -12.77
C ARG A 281 -2.97 -19.73 -12.90
N ALA A 282 -2.66 -19.33 -14.12
CA ALA A 282 -1.62 -18.32 -14.38
C ALA A 282 -2.04 -16.91 -13.99
N LYS A 283 -3.36 -16.71 -13.71
CA LYS A 283 -3.89 -15.41 -13.39
C LYS A 283 -3.95 -15.18 -11.90
N VAL A 284 -3.54 -16.17 -11.10
CA VAL A 284 -3.75 -16.14 -9.64
C VAL A 284 -2.46 -15.52 -9.00
N LEU A 285 -2.68 -14.46 -8.22
CA LEU A 285 -1.58 -13.70 -7.54
C LEU A 285 -1.85 -13.75 -6.06
N LEU A 286 -0.76 -13.75 -5.28
CA LEU A 286 -0.85 -13.60 -3.85
C LEU A 286 -0.09 -12.33 -3.48
N PHE A 287 -0.55 -11.62 -2.46
CA PHE A 287 0.04 -10.34 -2.06
C PHE A 287 0.16 -10.37 -0.54
N SER A 288 1.28 -9.87 0.00
CA SER A 288 1.43 -9.74 1.46
C SER A 288 1.83 -8.29 1.82
N ASN A 289 1.18 -7.70 2.80
CA ASN A 289 1.60 -6.36 3.31
C ASN A 289 0.95 -6.06 4.65
N ALA A 290 1.24 -4.89 5.17
CA ALA A 290 0.51 -4.37 6.34
C ALA A 290 -0.75 -3.64 5.82
N ALA A 291 -1.94 -4.15 6.14
CA ALA A 291 -3.22 -3.69 5.53
C ALA A 291 -3.82 -2.52 6.27
N SER A 292 -3.12 -1.45 6.27
CA SER A 292 -3.40 -0.33 7.19
C SER A 292 -2.82 0.85 6.50
N GLN A 293 -3.40 2.01 6.76
CA GLN A 293 -2.88 3.18 6.11
C GLN A 293 -1.96 3.98 6.99
N THR A 294 -1.97 3.66 8.26
CA THR A 294 -1.35 4.44 9.28
C THR A 294 -0.19 3.69 9.97
N SER A 295 -0.37 2.40 10.34
CA SER A 295 0.65 1.72 11.15
C SER A 295 1.08 0.40 10.49
N ARG A 296 2.28 -0.04 10.85
CA ARG A 296 2.78 -1.32 10.32
C ARG A 296 2.26 -2.46 11.18
N SER A 297 1.02 -2.83 10.93
CA SER A 297 0.32 -3.89 11.63
C SER A 297 -0.74 -4.51 10.72
N GLN A 298 -1.46 -5.49 11.21
CA GLN A 298 -2.54 -6.16 10.46
C GLN A 298 -1.97 -6.72 9.16
N GLY A 299 -0.93 -7.53 9.31
CA GLY A 299 -0.36 -8.24 8.15
C GLY A 299 -1.42 -9.11 7.53
N THR A 300 -1.64 -8.96 6.20
CA THR A 300 -2.67 -9.65 5.50
C THR A 300 -2.17 -10.30 4.24
N ILE A 301 -2.68 -11.51 3.91
CA ILE A 301 -2.49 -12.11 2.58
C ILE A 301 -3.75 -11.83 1.79
N ARG A 302 -3.57 -11.31 0.56
CA ARG A 302 -4.66 -11.18 -0.44
C ARG A 302 -4.45 -12.10 -1.62
N MET A 303 -5.55 -12.53 -2.24
CA MET A 303 -5.46 -13.31 -3.46
C MET A 303 -6.33 -12.70 -4.57
N SER A 304 -5.76 -12.66 -5.77
CA SER A 304 -6.47 -12.24 -6.98
C SER A 304 -6.53 -13.42 -7.95
N CYS A 305 -7.67 -13.58 -8.64
CA CYS A 305 -7.78 -14.65 -9.63
C CYS A 305 -7.84 -14.09 -11.02
N ASP A 306 -7.50 -12.79 -11.20
CA ASP A 306 -7.63 -12.10 -12.46
C ASP A 306 -6.45 -11.14 -12.76
N ASP A 307 -5.22 -11.63 -12.51
CA ASP A 307 -4.04 -10.82 -12.83
C ASP A 307 -3.95 -9.48 -12.05
N GLY A 308 -4.52 -9.44 -10.85
CA GLY A 308 -4.43 -8.23 -10.03
C GLY A 308 -5.49 -7.17 -10.24
N GLN A 309 -6.51 -7.46 -11.04
CA GLN A 309 -7.57 -6.47 -11.28
C GLN A 309 -8.46 -6.34 -10.05
N THR A 310 -8.74 -7.46 -9.40
CA THR A 310 -9.50 -7.50 -8.16
C THR A 310 -8.85 -8.40 -7.13
N TRP A 311 -9.13 -8.08 -5.86
CA TRP A 311 -8.62 -8.86 -4.74
C TRP A 311 -9.79 -9.34 -3.86
N PRO A 312 -10.52 -10.37 -4.28
CA PRO A 312 -11.67 -10.84 -3.52
C PRO A 312 -11.40 -11.48 -2.19
N VAL A 313 -10.21 -12.05 -2.04
CA VAL A 313 -9.89 -12.90 -0.91
C VAL A 313 -8.83 -12.20 -0.05
N SER A 314 -9.05 -12.22 1.27
CA SER A 314 -8.02 -11.73 2.18
C SER A 314 -8.10 -12.41 3.53
N LYS A 315 -6.97 -12.50 4.23
CA LYS A 315 -6.95 -13.06 5.55
C LYS A 315 -5.78 -12.49 6.31
N VAL A 316 -6.04 -12.15 7.56
CA VAL A 316 -4.99 -11.61 8.45
C VAL A 316 -4.08 -12.74 8.97
N PHE A 317 -2.77 -12.59 8.81
CA PHE A 317 -1.80 -13.51 9.35
C PHE A 317 -1.14 -12.97 10.63
N GLN A 318 -1.11 -11.65 10.81
CA GLN A 318 -0.52 -11.02 11.98
C GLN A 318 -1.27 -9.77 12.35
N PRO A 319 -2.15 -9.82 13.34
CA PRO A 319 -2.90 -8.65 13.74
C PRO A 319 -2.06 -7.55 14.37
N GLY A 320 -0.95 -7.90 15.03
CA GLY A 320 -0.08 -6.91 15.66
C GLY A 320 1.02 -6.44 14.71
N SER A 321 2.18 -6.11 15.28
CA SER A 321 3.26 -5.47 14.52
C SER A 321 3.68 -6.34 13.36
N MET A 322 3.86 -5.73 12.18
CA MET A 322 4.18 -6.50 10.98
C MET A 322 4.75 -5.48 9.97
N SER A 323 6.07 -5.52 9.72
CA SER A 323 6.75 -4.54 8.87
C SER A 323 7.00 -5.20 7.52
N TYR A 324 8.23 -5.53 7.17
CA TYR A 324 8.49 -6.09 5.86
C TYR A 324 8.07 -7.54 5.83
N SER A 325 7.62 -8.00 4.65
CA SER A 325 7.13 -9.36 4.42
C SER A 325 7.47 -9.79 2.99
N THR A 326 7.80 -11.07 2.81
CA THR A 326 8.08 -11.58 1.48
C THR A 326 7.58 -13.00 1.34
N LEU A 327 6.89 -13.28 0.23
CA LEU A 327 6.25 -14.58 -0.07
C LEU A 327 7.10 -15.38 -1.07
N THR A 328 6.98 -16.73 -0.97
CA THR A 328 7.55 -17.60 -1.98
C THR A 328 6.67 -18.86 -2.07
N ALA A 329 6.55 -19.35 -3.30
CA ALA A 329 5.86 -20.61 -3.58
C ALA A 329 6.77 -21.84 -3.30
N LEU A 330 6.28 -22.79 -2.50
CA LEU A 330 7.10 -23.93 -2.09
C LEU A 330 6.74 -25.14 -2.94
N PRO A 331 7.71 -26.04 -3.18
CA PRO A 331 7.48 -27.20 -4.02
C PRO A 331 6.34 -28.06 -3.57
N ASP A 332 5.97 -28.06 -2.28
CA ASP A 332 4.88 -28.91 -1.77
C ASP A 332 3.48 -28.31 -1.95
N GLY A 333 3.40 -27.19 -2.65
CA GLY A 333 2.15 -26.46 -2.91
C GLY A 333 1.73 -25.47 -1.88
N THR A 334 2.53 -25.32 -0.82
CA THR A 334 2.20 -24.38 0.24
C THR A 334 3.01 -23.12 -0.03
N TYR A 335 2.93 -22.13 0.85
CA TYR A 335 3.63 -20.85 0.63
C TYR A 335 4.44 -20.53 1.85
N GLY A 336 5.64 -19.98 1.64
CA GLY A 336 6.43 -19.48 2.73
C GLY A 336 6.32 -17.98 2.82
N LEU A 337 6.47 -17.45 4.01
CA LEU A 337 6.31 -16.02 4.26
C LEU A 337 7.35 -15.63 5.28
N LEU A 338 8.27 -14.76 4.94
CA LEU A 338 9.28 -14.29 5.86
C LEU A 338 8.98 -12.87 6.18
N TYR A 339 8.79 -12.56 7.47
CA TYR A 339 8.39 -11.24 7.87
C TYR A 339 8.97 -10.72 9.18
N GLU A 340 8.77 -9.41 9.41
CA GLU A 340 9.29 -8.71 10.56
C GLU A 340 8.23 -8.49 11.64
N PRO A 341 8.27 -9.23 12.75
CA PRO A 341 7.29 -9.06 13.83
C PRO A 341 7.66 -8.04 14.90
N GLY A 342 8.82 -7.41 14.76
CA GLY A 342 9.35 -6.42 15.70
C GLY A 342 10.55 -6.91 16.51
N THR A 343 10.69 -8.22 16.59
CA THR A 343 11.72 -8.86 17.37
C THR A 343 12.82 -9.44 16.56
N GLY A 344 12.74 -9.29 15.23
CA GLY A 344 13.74 -9.88 14.36
C GLY A 344 13.07 -10.35 13.05
N ILE A 345 13.27 -11.61 12.73
CA ILE A 345 12.78 -12.25 11.49
C ILE A 345 12.02 -13.54 11.81
N ARG A 346 10.81 -13.66 11.26
CA ARG A 346 9.97 -14.82 11.52
C ARG A 346 9.59 -15.46 10.23
N TYR A 347 9.56 -16.79 10.23
CA TYR A 347 9.14 -17.59 9.08
C TYR A 347 7.75 -18.23 9.34
N ALA A 348 6.83 -18.02 8.40
CA ALA A 348 5.48 -18.63 8.45
C ALA A 348 5.27 -19.49 7.17
N ASN A 349 4.46 -20.52 7.30
CA ASN A 349 4.10 -21.40 6.22
C ASN A 349 2.55 -21.50 6.24
N PHE A 350 1.91 -21.36 5.09
CA PHE A 350 0.44 -21.45 5.00
C PHE A 350 0.03 -22.10 3.69
N ASN A 351 -1.21 -22.61 3.64
CA ASN A 351 -1.74 -23.16 2.38
C ASN A 351 -3.03 -22.41 1.97
N LEU A 352 -3.52 -22.70 0.79
CA LEU A 352 -4.69 -21.97 0.29
C LEU A 352 -5.93 -22.39 1.10
N ALA A 353 -5.93 -23.60 1.70
CA ALA A 353 -7.06 -23.97 2.55
C ALA A 353 -7.19 -23.05 3.76
N TRP A 354 -6.06 -22.64 4.31
CA TRP A 354 -6.05 -21.63 5.38
C TRP A 354 -6.63 -20.32 4.90
N LEU A 355 -6.23 -19.92 3.69
CA LEU A 355 -6.65 -18.61 3.18
C LEU A 355 -8.19 -18.58 3.02
N GLY A 356 -8.77 -19.73 2.66
CA GLY A 356 -10.21 -19.96 2.76
C GLY A 356 -11.08 -19.19 1.74
N GLY A 357 -10.51 -18.92 0.58
CA GLY A 357 -11.15 -18.03 -0.38
C GLY A 357 -11.90 -18.74 -1.48
N ILE A 358 -12.77 -18.00 -2.14
CA ILE A 358 -13.35 -18.39 -3.40
C ILE A 358 -13.11 -17.21 -4.36
N CYS A 359 -12.75 -17.55 -5.58
CA CYS A 359 -12.53 -16.58 -6.63
C CYS A 359 -13.85 -16.04 -7.15
N ALA A 360 -14.54 -15.19 -6.40
CA ALA A 360 -15.87 -14.68 -6.81
C ALA A 360 -15.95 -13.19 -6.38
N PRO A 361 -15.18 -12.32 -7.03
CA PRO A 361 -15.24 -10.90 -6.70
C PRO A 361 -16.64 -10.35 -6.96
N PHE A 362 -17.05 -9.40 -6.14
CA PHE A 362 -18.43 -8.87 -6.22
C PHE A 362 -18.44 -7.40 -5.81
N THR A 363 -19.46 -6.70 -6.30
CA THR A 363 -19.56 -5.28 -6.10
C THR A 363 -20.91 -5.00 -5.52
N ILE A 364 -20.90 -3.98 -4.66
CA ILE A 364 -22.17 -3.40 -4.13
C ILE A 364 -21.90 -1.90 -4.20
N PRO A 365 -22.83 -1.12 -4.77
CA PRO A 365 -22.62 0.28 -4.92
C PRO A 365 -22.77 1.05 -3.63
N ASP A 366 -22.11 2.18 -3.56
CA ASP A 366 -22.29 3.11 -2.47
C ASP A 366 -23.72 3.66 -2.60
N VAL A 367 -24.32 4.04 -1.50
CA VAL A 367 -25.67 4.59 -1.54
C VAL A 367 -25.87 5.64 -0.43
N ALA A 368 -26.81 6.55 -0.63
CA ALA A 368 -27.07 7.64 0.33
C ALA A 368 -28.55 7.59 0.69
N LEU A 369 -28.84 7.74 1.96
CA LEU A 369 -30.22 7.93 2.40
C LEU A 369 -30.30 8.87 3.60
N GLU A 370 -31.54 9.13 4.01
CA GLU A 370 -31.80 9.89 5.23
C GLU A 370 -32.08 8.93 6.36
N PRO A 371 -31.82 9.34 7.59
CA PRO A 371 -32.16 8.50 8.73
C PRO A 371 -33.68 8.24 8.74
N GLY A 372 -34.10 7.05 9.17
CA GLY A 372 -35.50 6.67 9.02
C GLY A 372 -35.90 5.91 7.76
N GLN A 373 -35.03 5.85 6.76
CA GLN A 373 -35.34 5.32 5.46
C GLN A 373 -34.80 3.90 5.26
N GLN A 374 -35.32 3.24 4.22
CA GLN A 374 -34.89 1.90 3.77
C GLN A 374 -34.46 1.96 2.33
N VAL A 375 -33.44 1.19 1.95
CA VAL A 375 -33.05 1.19 0.56
C VAL A 375 -32.57 -0.22 0.22
N THR A 376 -32.71 -0.58 -1.05
CA THR A 376 -32.24 -1.89 -1.56
C THR A 376 -31.24 -1.60 -2.65
N VAL A 377 -30.06 -2.23 -2.60
CA VAL A 377 -29.02 -2.02 -3.60
C VAL A 377 -28.69 -3.40 -4.24
N PRO A 378 -28.35 -3.39 -5.52
CA PRO A 378 -28.00 -4.63 -6.23
C PRO A 378 -26.57 -5.12 -5.91
N VAL A 379 -26.37 -6.42 -6.00
CA VAL A 379 -25.09 -7.08 -5.78
C VAL A 379 -24.78 -7.80 -7.09
N ALA A 380 -23.53 -7.76 -7.53
CA ALA A 380 -23.13 -8.39 -8.79
C ALA A 380 -21.91 -9.26 -8.50
N VAL A 381 -22.05 -10.59 -8.59
CA VAL A 381 -20.92 -11.52 -8.34
C VAL A 381 -20.38 -11.95 -9.68
N THR A 382 -19.06 -11.86 -9.85
CA THR A 382 -18.39 -12.43 -11.04
C THR A 382 -17.72 -13.71 -10.64
N ASN A 383 -18.31 -14.85 -11.01
CA ASN A 383 -17.76 -16.12 -10.59
C ASN A 383 -16.57 -16.47 -11.46
N GLN A 384 -15.37 -16.42 -10.88
CA GLN A 384 -14.15 -16.76 -11.55
C GLN A 384 -13.65 -18.15 -11.13
N SER A 385 -14.39 -18.89 -10.30
CA SER A 385 -13.91 -20.11 -9.63
C SER A 385 -14.00 -21.34 -10.52
N GLY A 386 -14.82 -21.26 -11.55
CA GLY A 386 -15.11 -22.45 -12.39
C GLY A 386 -16.05 -23.47 -11.82
N ILE A 387 -16.63 -23.22 -10.66
CA ILE A 387 -17.53 -24.19 -10.06
C ILE A 387 -18.91 -23.60 -9.76
N ALA A 388 -19.88 -24.48 -9.59
CA ALA A 388 -21.24 -24.10 -9.25
C ALA A 388 -21.38 -24.02 -7.77
N VAL A 389 -22.13 -23.06 -7.26
CA VAL A 389 -22.44 -22.98 -5.82
C VAL A 389 -23.94 -22.81 -5.62
N PRO A 390 -24.61 -23.89 -5.24
CA PRO A 390 -26.08 -23.86 -5.09
C PRO A 390 -26.65 -23.03 -3.94
N LYS A 391 -25.92 -22.87 -2.85
CA LYS A 391 -26.44 -22.18 -1.66
C LYS A 391 -25.47 -21.14 -1.10
N PRO A 392 -25.14 -20.13 -1.91
CA PRO A 392 -24.31 -19.01 -1.40
C PRO A 392 -25.10 -18.13 -0.46
N SER A 393 -24.42 -17.51 0.48
CA SER A 393 -25.11 -16.56 1.33
C SER A 393 -24.26 -15.31 1.46
N LEU A 394 -24.88 -14.26 1.97
CA LEU A 394 -24.24 -12.93 2.01
C LEU A 394 -24.45 -12.37 3.42
N GLN A 395 -23.36 -12.16 4.14
CA GLN A 395 -23.37 -11.69 5.51
C GLN A 395 -22.84 -10.27 5.55
N LEU A 396 -23.56 -9.36 6.21
CA LEU A 396 -23.15 -7.94 6.22
C LEU A 396 -22.75 -7.50 7.59
N ASP A 397 -21.78 -6.58 7.66
CA ASP A 397 -21.22 -6.09 8.91
C ASP A 397 -21.47 -4.56 8.96
N ALA A 398 -22.52 -4.19 9.70
CA ALA A 398 -22.96 -2.82 9.74
C ALA A 398 -23.24 -2.49 11.20
N SER A 399 -23.56 -1.23 11.47
CA SER A 399 -24.07 -0.85 12.78
C SER A 399 -25.12 -1.84 13.31
N PRO A 400 -24.94 -2.28 14.57
CA PRO A 400 -25.87 -3.18 15.26
C PRO A 400 -27.30 -2.72 15.36
N ASP A 401 -27.51 -1.41 15.34
CA ASP A 401 -28.86 -0.83 15.39
C ASP A 401 -29.54 -0.75 14.02
N TRP A 402 -28.80 -1.01 12.93
CA TRP A 402 -29.41 -1.02 11.61
C TRP A 402 -29.97 -2.44 11.34
N GLN A 403 -30.86 -2.55 10.39
CA GLN A 403 -31.32 -3.85 9.91
C GLN A 403 -30.74 -3.97 8.52
N VAL A 404 -29.79 -4.87 8.35
CA VAL A 404 -29.19 -5.11 7.04
C VAL A 404 -29.29 -6.61 6.71
N GLN A 405 -29.68 -6.92 5.51
CA GLN A 405 -29.69 -8.32 5.13
C GLN A 405 -29.48 -8.43 3.63
N GLY A 406 -28.88 -9.54 3.23
CA GLY A 406 -28.63 -9.71 1.84
C GLY A 406 -28.81 -11.13 1.36
N SER A 407 -28.89 -11.26 0.07
CA SER A 407 -29.03 -12.57 -0.55
C SER A 407 -28.36 -12.54 -1.92
N VAL A 408 -28.05 -13.72 -2.43
CA VAL A 408 -27.38 -13.83 -3.71
C VAL A 408 -27.91 -15.12 -4.41
N GLU A 409 -28.13 -15.07 -5.70
CA GLU A 409 -28.59 -16.26 -6.46
C GLU A 409 -27.45 -17.27 -6.63
N PRO A 410 -27.76 -18.53 -7.00
CA PRO A 410 -26.69 -19.50 -7.11
C PRO A 410 -25.60 -19.12 -8.10
N LEU A 411 -24.38 -19.54 -7.79
CA LEU A 411 -23.27 -19.22 -8.67
C LEU A 411 -23.14 -20.33 -9.73
N MET A 412 -22.91 -19.92 -10.98
CA MET A 412 -22.73 -20.88 -12.09
C MET A 412 -21.34 -20.62 -12.72
N PRO A 413 -20.65 -21.67 -13.23
CA PRO A 413 -19.35 -21.47 -13.86
C PRO A 413 -19.39 -20.45 -14.98
N GLY A 414 -18.47 -19.50 -14.96
CA GLY A 414 -18.30 -18.52 -16.02
C GLY A 414 -19.41 -17.51 -16.14
N ARG A 415 -20.21 -17.37 -15.08
CA ARG A 415 -21.37 -16.48 -15.12
C ARG A 415 -21.38 -15.50 -13.96
N GLN A 416 -22.08 -14.41 -14.20
CA GLN A 416 -22.35 -13.41 -13.16
C GLN A 416 -23.61 -13.87 -12.43
N ALA A 417 -23.70 -13.56 -11.15
CA ALA A 417 -24.87 -13.85 -10.35
C ALA A 417 -25.32 -12.52 -9.76
N LYS A 418 -26.63 -12.37 -9.66
CA LYS A 418 -27.29 -11.25 -8.99
C LYS A 418 -27.65 -11.51 -7.55
N GLY A 419 -27.66 -10.42 -6.77
CA GLY A 419 -28.15 -10.46 -5.42
C GLY A 419 -28.68 -9.07 -5.04
N GLN A 420 -28.97 -8.90 -3.77
CA GLN A 420 -29.44 -7.61 -3.29
C GLN A 420 -29.18 -7.54 -1.81
N VAL A 421 -29.02 -6.29 -1.35
CA VAL A 421 -28.92 -6.02 0.07
C VAL A 421 -29.98 -4.97 0.38
N THR A 422 -30.65 -5.18 1.48
CA THR A 422 -31.63 -4.22 1.98
C THR A 422 -31.08 -3.65 3.30
N ILE A 423 -31.14 -2.32 3.39
CA ILE A 423 -30.60 -1.60 4.53
C ILE A 423 -31.67 -0.69 5.08
N THR A 424 -31.90 -0.81 6.37
CA THR A 424 -32.79 0.13 7.07
C THR A 424 -32.02 0.83 8.16
N VAL A 425 -32.05 2.15 8.10
CA VAL A 425 -31.34 2.97 9.06
C VAL A 425 -32.36 3.65 9.99
N PRO A 426 -32.22 3.49 11.29
CA PRO A 426 -33.19 4.08 12.23
C PRO A 426 -33.17 5.62 12.27
N ALA A 427 -34.33 6.23 12.55
CA ALA A 427 -34.39 7.66 12.83
C ALA A 427 -33.34 8.04 13.87
N GLY A 428 -32.75 9.22 13.76
CA GLY A 428 -31.81 9.65 14.81
C GLY A 428 -30.38 9.15 14.65
N THR A 429 -30.15 8.35 13.61
CA THR A 429 -28.81 7.89 13.31
C THR A 429 -27.97 9.11 13.07
N THR A 430 -26.77 9.15 13.66
CA THR A 430 -25.82 10.27 13.42
C THR A 430 -25.45 10.35 11.93
N PRO A 431 -25.50 11.53 11.31
CA PRO A 431 -25.08 11.66 9.94
C PRO A 431 -23.63 11.30 9.77
N GLY A 432 -23.27 10.70 8.65
CA GLY A 432 -21.90 10.23 8.51
C GLY A 432 -21.80 9.31 7.34
N ARG A 433 -20.56 9.00 6.97
CA ARG A 433 -20.29 7.97 5.97
C ARG A 433 -19.93 6.67 6.71
N TYR A 434 -20.69 5.61 6.50
CA TYR A 434 -20.52 4.37 7.23
C TYR A 434 -20.03 3.32 6.27
N ARG A 435 -18.87 2.74 6.53
CA ARG A 435 -18.37 1.64 5.71
C ARG A 435 -19.03 0.35 6.18
N VAL A 436 -19.62 -0.40 5.23
CA VAL A 436 -20.31 -1.66 5.53
C VAL A 436 -19.52 -2.78 4.84
N GLY A 437 -19.12 -3.77 5.61
CA GLY A 437 -18.47 -4.94 5.07
C GLY A 437 -19.45 -5.99 4.61
N ALA A 438 -19.06 -6.72 3.58
CA ALA A 438 -19.93 -7.76 3.02
C ALA A 438 -19.07 -9.00 2.77
N THR A 439 -19.58 -10.18 3.14
CA THR A 439 -18.87 -11.41 2.91
C THR A 439 -19.79 -12.39 2.18
N LEU A 440 -19.34 -12.82 1.00
CA LEU A 440 -19.98 -13.90 0.26
C LEU A 440 -19.46 -15.19 0.86
N ARG A 441 -20.35 -15.96 1.49
CA ARG A 441 -19.98 -17.20 2.14
C ARG A 441 -20.48 -18.38 1.32
N THR A 442 -19.59 -19.35 1.10
CA THR A 442 -19.92 -20.60 0.40
C THR A 442 -19.13 -21.76 0.96
N SER A 443 -19.59 -22.97 0.71
CA SER A 443 -18.87 -24.13 1.22
C SER A 443 -17.54 -24.35 0.50
N ALA A 444 -17.26 -23.61 -0.56
CA ALA A 444 -15.99 -23.67 -1.28
C ALA A 444 -15.05 -22.48 -1.00
N GLY A 445 -15.42 -21.67 -0.04
CA GLY A 445 -14.65 -20.48 0.38
C GLY A 445 -15.47 -19.20 0.34
N ASN A 446 -14.84 -18.12 0.83
CA ASN A 446 -15.50 -16.81 1.01
C ASN A 446 -14.78 -15.72 0.23
N ALA A 447 -15.52 -14.68 -0.12
CA ALA A 447 -14.99 -13.47 -0.74
C ALA A 447 -15.57 -12.26 -0.01
N SER A 448 -14.91 -11.12 -0.10
CA SER A 448 -15.43 -9.95 0.62
C SER A 448 -15.32 -8.66 -0.21
N THR A 449 -16.13 -7.66 0.17
CA THR A 449 -15.99 -6.33 -0.36
C THR A 449 -16.51 -5.35 0.71
N THR A 450 -16.43 -4.07 0.44
CA THR A 450 -17.05 -3.06 1.32
C THR A 450 -17.77 -2.07 0.43
N PHE A 451 -18.70 -1.32 1.03
CA PHE A 451 -19.38 -0.24 0.35
C PHE A 451 -19.71 0.77 1.45
N THR A 452 -19.99 1.97 1.03
CA THR A 452 -20.26 3.04 1.96
C THR A 452 -21.73 3.48 1.84
N VAL A 453 -22.34 3.55 3.01
CA VAL A 453 -23.68 4.09 3.18
C VAL A 453 -23.56 5.50 3.78
N THR A 454 -23.95 6.49 3.01
CA THR A 454 -23.92 7.89 3.52
C THR A 454 -25.29 8.23 4.08
N VAL A 455 -25.34 8.63 5.35
CA VAL A 455 -26.60 8.89 6.04
C VAL A 455 -26.66 10.38 6.35
N GLY A 456 -27.72 11.06 5.90
CA GLY A 456 -27.97 12.47 6.24
C GLY A 456 -26.90 13.51 5.96
N LEU A 457 -26.12 13.30 4.91
CA LEU A 457 -25.13 14.24 4.43
C LEU A 457 -25.49 14.61 3.05
N LEU A 458 -25.31 15.88 2.71
CA LEU A 458 -25.51 16.38 1.37
C LEU A 458 -24.44 15.91 0.38
N ASP A 459 -24.75 15.98 -0.90
CA ASP A 459 -23.86 15.47 -1.93
C ASP A 459 -22.77 16.48 -2.26
N GLN A 460 -21.53 16.18 -1.89
CA GLN A 460 -20.42 17.07 -2.16
C GLN A 460 -20.23 17.33 -3.64
N ALA A 461 -20.60 16.36 -4.49
CA ALA A 461 -20.48 16.59 -5.92
C ALA A 461 -21.35 17.72 -6.47
N ARG A 462 -22.41 18.12 -5.76
CA ARG A 462 -23.23 19.24 -6.22
C ARG A 462 -22.74 20.58 -5.67
N MET A 463 -21.81 20.52 -4.73
CA MET A 463 -21.25 21.73 -4.07
C MET A 463 -20.16 22.44 -4.83
N SER A 464 -19.98 23.73 -4.54
CA SER A 464 -18.85 24.46 -5.07
C SER A 464 -18.40 25.50 -4.01
N ILE A 465 -17.19 26.01 -4.19
CA ILE A 465 -16.67 27.13 -3.34
C ILE A 465 -17.29 28.46 -3.74
N ALA A 466 -18.00 29.09 -2.81
CA ALA A 466 -18.59 30.41 -3.04
C ALA A 466 -17.57 31.50 -2.80
N ASP A 467 -16.75 31.33 -1.76
CA ASP A 467 -15.68 32.28 -1.44
C ASP A 467 -14.76 31.68 -0.40
N VAL A 468 -13.59 32.27 -0.31
CA VAL A 468 -12.55 31.84 0.62
C VAL A 468 -11.61 33.03 0.90
N ASP A 469 -11.15 33.19 2.14
CA ASP A 469 -10.30 34.39 2.44
C ASP A 469 -8.90 34.31 1.82
N SER A 470 -8.32 33.11 1.80
CA SER A 470 -6.94 32.93 1.43
C SER A 470 -6.72 31.48 1.05
N GLU A 471 -5.91 31.20 0.03
CA GLU A 471 -5.54 29.82 -0.28
C GLU A 471 -4.15 29.78 -0.90
N GLU A 472 -3.38 28.76 -0.54
CA GLU A 472 -2.06 28.56 -1.13
C GLU A 472 -2.22 27.75 -2.39
N THR A 473 -1.63 28.25 -3.49
CA THR A 473 -1.52 27.49 -4.74
C THR A 473 -0.08 27.46 -5.29
N ALA A 474 0.75 28.43 -4.93
CA ALA A 474 2.12 28.54 -5.49
C ALA A 474 3.04 27.39 -5.10
N ARG A 475 3.14 27.10 -3.80
CA ARG A 475 4.11 26.13 -3.28
C ARG A 475 3.53 24.74 -3.04
N GLU A 476 2.21 24.66 -2.86
CA GLU A 476 1.52 23.38 -2.80
C GLU A 476 0.06 23.58 -3.14
N ASP A 477 -0.68 22.47 -3.31
CA ASP A 477 -2.04 22.56 -3.75
C ASP A 477 -2.89 22.70 -2.50
N GLY A 478 -3.19 23.92 -2.12
CA GLY A 478 -4.09 24.13 -0.99
C GLY A 478 -5.37 24.78 -1.42
N ARG A 479 -5.90 24.40 -2.58
CA ARG A 479 -7.13 25.02 -3.06
C ARG A 479 -8.27 24.73 -2.11
N ALA A 480 -9.17 25.71 -1.97
CA ALA A 480 -10.37 25.63 -1.18
C ALA A 480 -11.26 24.46 -1.60
N SER A 481 -11.33 24.20 -2.92
CA SER A 481 -12.12 23.11 -3.43
C SER A 481 -11.68 21.73 -2.92
N ASN A 482 -10.49 21.62 -2.34
CA ASN A 482 -10.03 20.40 -1.72
C ASN A 482 -10.81 19.99 -0.50
N VAL A 483 -11.66 20.88 0.03
CA VAL A 483 -12.51 20.45 1.12
C VAL A 483 -13.74 19.62 0.72
N ILE A 484 -14.07 19.60 -0.57
CA ILE A 484 -15.33 18.98 -1.03
C ILE A 484 -15.07 17.94 -2.12
N ASP A 485 -13.89 17.33 -2.06
CA ASP A 485 -13.52 16.26 -3.02
C ASP A 485 -13.66 14.85 -2.48
N GLY A 486 -14.03 14.69 -1.20
CA GLY A 486 -14.23 13.35 -0.62
C GLY A 486 -12.95 12.64 -0.16
N ASN A 487 -11.81 13.33 -0.28
CA ASN A 487 -10.51 12.75 -0.10
C ASN A 487 -9.85 13.40 1.13
N PRO A 488 -9.67 12.62 2.16
CA PRO A 488 -9.04 13.15 3.36
C PRO A 488 -7.59 13.58 3.22
N SER A 489 -6.90 13.24 2.11
CA SER A 489 -5.50 13.59 1.90
C SER A 489 -5.25 14.87 1.16
N THR A 490 -6.31 15.50 0.64
CA THR A 490 -6.21 16.80 0.01
C THR A 490 -6.88 17.80 0.95
N PHE A 491 -6.23 18.94 1.07
CA PHE A 491 -6.70 19.96 1.99
C PHE A 491 -6.68 21.34 1.40
N TRP A 492 -7.59 22.17 1.90
CA TRP A 492 -7.47 23.60 1.75
C TRP A 492 -6.40 24.03 2.75
N HIS A 493 -5.53 24.95 2.31
CA HIS A 493 -4.48 25.58 3.18
C HIS A 493 -4.48 27.05 2.86
N THR A 494 -4.48 27.93 3.89
CA THR A 494 -4.48 29.36 3.56
C THR A 494 -3.06 29.74 3.05
N GLU A 495 -2.95 30.89 2.38
CA GLU A 495 -1.70 31.31 1.77
C GLU A 495 -0.59 31.41 2.79
N TRP A 496 0.54 30.79 2.46
CA TRP A 496 1.70 30.80 3.35
C TRP A 496 3.05 31.16 2.72
N SER A 497 3.14 31.17 1.42
CA SER A 497 4.45 31.32 0.78
C SER A 497 4.81 32.81 0.53
N ARG A 498 3.89 33.72 0.77
CA ARG A 498 4.18 35.16 0.91
C ARG A 498 4.15 35.57 2.38
N ALA A 499 5.10 36.42 2.75
CA ALA A 499 5.18 37.08 4.05
C ALA A 499 3.95 37.87 4.48
N ASP A 500 3.34 38.60 3.53
CA ASP A 500 2.18 39.45 3.79
C ASP A 500 0.83 38.72 3.72
N ALA A 501 0.87 37.38 3.74
CA ALA A 501 -0.36 36.59 3.84
C ALA A 501 -1.09 36.93 5.16
N PRO A 502 -2.41 36.82 5.19
CA PRO A 502 -3.16 37.07 6.43
C PRO A 502 -3.02 35.96 7.50
N GLY A 503 -3.20 36.35 8.74
CA GLY A 503 -3.45 35.39 9.81
C GLY A 503 -4.94 35.17 9.97
N TYR A 504 -5.30 34.67 11.13
CA TYR A 504 -6.72 34.41 11.48
C TYR A 504 -7.40 35.74 11.78
N PRO A 505 -8.72 35.82 11.68
CA PRO A 505 -9.58 34.73 11.19
C PRO A 505 -9.49 34.40 9.71
N HIS A 506 -9.81 33.11 9.43
CA HIS A 506 -9.89 32.63 8.08
C HIS A 506 -11.35 32.17 7.77
N ARG A 507 -11.69 31.97 6.52
CA ARG A 507 -13.07 31.75 6.16
C ARG A 507 -13.18 31.01 4.86
N ILE A 508 -14.10 30.05 4.84
CA ILE A 508 -14.47 29.31 3.61
C ILE A 508 -15.98 29.16 3.55
N SER A 509 -16.55 29.39 2.37
CA SER A 509 -18.00 29.31 2.16
C SER A 509 -18.30 28.40 0.98
N LEU A 510 -19.34 27.59 1.16
CA LEU A 510 -19.77 26.57 0.19
C LEU A 510 -21.11 26.95 -0.40
N ASP A 511 -21.24 26.77 -1.72
CA ASP A 511 -22.53 26.77 -2.43
C ASP A 511 -22.96 25.29 -2.47
N LEU A 512 -24.11 25.00 -1.89
CA LEU A 512 -24.65 23.67 -1.77
C LEU A 512 -25.24 23.14 -3.08
N GLY A 513 -25.37 24.02 -4.07
CA GLY A 513 -25.93 23.65 -5.38
C GLY A 513 -27.43 23.90 -5.56
N GLY A 514 -28.14 24.16 -4.45
CA GLY A 514 -29.58 24.35 -4.36
C GLY A 514 -29.97 24.62 -2.91
N THR A 515 -31.23 24.96 -2.66
CA THR A 515 -31.67 25.15 -1.31
C THR A 515 -31.96 23.81 -0.68
N HIS A 516 -31.38 23.58 0.48
CA HIS A 516 -31.66 22.42 1.26
C HIS A 516 -31.94 22.76 2.68
N THR A 517 -32.66 21.87 3.32
CA THR A 517 -32.77 21.80 4.78
C THR A 517 -31.53 21.19 5.40
N ILE A 518 -30.82 22.00 6.19
CA ILE A 518 -29.51 21.57 6.77
C ILE A 518 -29.48 21.83 8.27
N SER A 519 -28.65 21.09 9.01
CA SER A 519 -28.62 21.15 10.45
C SER A 519 -27.21 20.88 11.07
N GLY A 520 -26.19 20.89 10.25
CA GLY A 520 -24.85 20.63 10.78
C GLY A 520 -23.77 20.74 9.74
N LEU A 521 -22.55 20.86 10.26
CA LEU A 521 -21.32 20.81 9.42
C LEU A 521 -20.35 19.84 10.09
N GLN A 522 -19.58 19.08 9.30
CA GLN A 522 -18.59 18.19 9.90
C GLN A 522 -17.24 18.61 9.32
N TYR A 523 -16.32 18.90 10.22
CA TYR A 523 -14.94 19.29 9.89
C TYR A 523 -13.99 18.15 10.11
N THR A 524 -13.10 17.97 9.13
CA THR A 524 -11.94 17.07 9.24
C THR A 524 -10.60 17.85 9.08
N ARG A 525 -9.79 17.79 10.12
CA ARG A 525 -8.46 18.46 10.12
C ARG A 525 -7.54 17.89 9.05
N ARG A 526 -6.54 18.67 8.68
CA ARG A 526 -5.43 18.17 7.84
C ARG A 526 -4.76 17.02 8.61
N GLN A 527 -4.47 15.93 7.91
CA GLN A 527 -4.14 14.66 8.56
C GLN A 527 -2.64 14.54 8.84
N ASN A 528 -1.81 15.28 8.13
CA ASN A 528 -0.34 15.02 8.18
C ASN A 528 0.50 16.17 8.72
N SER A 529 -0.18 17.14 9.34
CA SER A 529 0.47 18.28 9.96
C SER A 529 -0.42 18.77 11.10
N ALA A 530 0.21 19.26 12.19
CA ALA A 530 -0.49 19.63 13.41
C ALA A 530 -0.67 21.13 13.59
N ASN A 531 0.01 21.95 12.81
CA ASN A 531 0.09 23.38 13.16
C ASN A 531 -0.82 24.31 12.36
N GLU A 532 -1.79 23.73 11.64
CA GLU A 532 -2.78 24.58 10.93
C GLU A 532 -4.22 24.15 11.29
N GLN A 533 -4.39 23.75 12.52
CA GLN A 533 -5.67 23.17 12.97
C GLN A 533 -6.60 24.27 13.45
N VAL A 534 -7.82 24.26 12.95
CA VAL A 534 -8.83 25.19 13.41
C VAL A 534 -9.23 24.86 14.85
N ALA A 535 -9.41 25.90 15.67
CA ALA A 535 -9.77 25.80 17.05
C ALA A 535 -11.14 26.45 17.23
N ASP A 536 -11.16 27.72 17.62
CA ASP A 536 -12.44 28.44 17.79
C ASP A 536 -13.06 28.67 16.41
N TYR A 537 -14.38 28.48 16.29
CA TYR A 537 -15.06 28.66 15.02
C TYR A 537 -16.48 29.24 15.20
N GLU A 538 -17.03 29.76 14.11
CA GLU A 538 -18.44 30.16 13.97
C GLU A 538 -18.92 29.66 12.61
N ILE A 539 -20.20 29.32 12.53
CA ILE A 539 -20.85 28.92 11.28
C ILE A 539 -21.98 29.91 10.98
N TYR A 540 -22.06 30.32 9.73
CA TYR A 540 -23.13 31.16 9.20
C TYR A 540 -23.81 30.46 7.99
N THR A 541 -25.01 30.91 7.66
CA THR A 541 -25.67 30.40 6.43
C THR A 541 -26.31 31.53 5.64
N SER A 542 -26.71 31.24 4.40
CA SER A 542 -27.30 32.22 3.52
C SER A 542 -28.18 31.57 2.47
N LEU A 543 -29.21 32.32 2.09
CA LEU A 543 -30.02 31.97 0.90
C LEU A 543 -29.48 32.59 -0.37
N ASN A 544 -28.78 33.72 -0.28
CA ASN A 544 -28.31 34.42 -1.45
C ASN A 544 -26.81 34.53 -1.64
N GLY A 545 -26.02 34.18 -0.63
CA GLY A 545 -24.55 34.22 -0.74
C GLY A 545 -23.94 35.55 -0.33
N THR A 546 -24.78 36.56 -0.08
CA THR A 546 -24.31 37.88 0.32
C THR A 546 -24.76 38.33 1.70
N THR A 547 -25.98 37.98 2.10
CA THR A 547 -26.38 38.27 3.46
C THR A 547 -26.36 36.99 4.32
N TRP A 548 -25.55 37.05 5.36
CA TRP A 548 -25.27 35.90 6.18
C TRP A 548 -26.06 35.99 7.46
N ASP A 549 -26.54 34.85 7.91
CA ASP A 549 -27.29 34.66 9.12
C ASP A 549 -26.41 33.92 10.10
N GLY A 550 -26.39 34.40 11.36
CA GLY A 550 -25.80 33.68 12.48
C GLY A 550 -24.94 34.60 13.35
N PRO A 551 -23.97 34.07 14.07
CA PRO A 551 -23.56 32.64 14.02
C PRO A 551 -24.56 31.68 14.48
N VAL A 552 -24.90 30.74 13.61
CA VAL A 552 -25.87 29.71 13.95
C VAL A 552 -25.32 28.59 14.84
N ALA A 553 -23.99 28.38 14.78
CA ALA A 553 -23.29 27.55 15.73
C ALA A 553 -21.89 28.20 16.01
N SER A 554 -21.37 27.95 17.18
CA SER A 554 -20.03 28.38 17.57
C SER A 554 -19.44 27.35 18.50
N GLY A 555 -18.12 27.27 18.55
CA GLY A 555 -17.51 26.30 19.45
C GLY A 555 -16.02 26.29 19.24
N ARG A 556 -15.40 25.26 19.78
CA ARG A 556 -13.97 25.07 19.58
C ARG A 556 -13.73 23.61 19.25
N PHE A 557 -13.12 23.35 18.10
CA PHE A 557 -12.77 21.98 17.68
C PHE A 557 -11.63 21.43 18.51
N THR A 558 -11.52 20.11 18.57
CA THR A 558 -10.38 19.46 19.17
C THR A 558 -9.33 19.11 18.09
N THR A 559 -8.27 18.44 18.53
CA THR A 559 -7.23 17.99 17.59
C THR A 559 -7.50 16.57 17.06
N SER A 560 -8.70 16.03 17.29
CA SER A 560 -9.12 14.73 16.70
C SER A 560 -8.98 14.65 15.17
N LEU A 561 -8.49 13.51 14.68
CA LEU A 561 -8.30 13.30 13.25
C LEU A 561 -9.63 12.93 12.55
N ALA A 562 -10.62 12.56 13.33
CA ALA A 562 -11.92 12.13 12.84
C ALA A 562 -12.85 13.36 12.60
N PRO A 563 -13.86 13.17 11.76
CA PRO A 563 -14.82 14.25 11.53
C PRO A 563 -15.41 14.77 12.81
N GLN A 564 -15.57 16.10 12.91
CA GLN A 564 -16.11 16.70 14.13
C GLN A 564 -17.37 17.46 13.81
N ARG A 565 -18.44 17.24 14.57
CA ARG A 565 -19.73 17.87 14.24
C ARG A 565 -19.95 19.24 14.91
N ALA A 566 -20.53 20.13 14.14
CA ALA A 566 -21.06 21.40 14.64
C ALA A 566 -22.53 21.44 14.20
N VAL A 567 -23.44 21.41 15.16
CA VAL A 567 -24.88 21.32 14.85
C VAL A 567 -25.66 22.57 15.19
N PHE A 568 -26.76 22.76 14.48
CA PHE A 568 -27.66 23.94 14.70
C PHE A 568 -29.05 23.59 14.27
N PRO A 569 -30.05 24.28 14.82
CA PRO A 569 -31.43 24.05 14.46
C PRO A 569 -31.65 24.03 12.95
N ALA A 570 -32.37 23.01 12.49
CA ALA A 570 -32.61 22.86 11.07
C ALA A 570 -33.17 24.09 10.40
N ARG A 571 -32.61 24.41 9.26
CA ARG A 571 -32.92 25.62 8.54
C ARG A 571 -32.69 25.47 7.03
N ASP A 572 -33.40 26.24 6.19
CA ASP A 572 -33.10 26.24 4.79
C ASP A 572 -31.98 27.17 4.39
N ALA A 573 -31.10 26.67 3.54
CA ALA A 573 -29.97 27.41 3.04
C ALA A 573 -29.50 26.92 1.72
N ARG A 574 -28.93 27.82 0.96
CA ARG A 574 -28.18 27.50 -0.24
C ARG A 574 -26.65 27.58 -0.05
N TYR A 575 -26.23 28.29 1.02
CA TYR A 575 -24.80 28.53 1.27
C TYR A 575 -24.49 28.35 2.76
N ILE A 576 -23.29 27.82 3.05
CA ILE A 576 -22.83 27.66 4.45
C ILE A 576 -21.40 28.16 4.55
N ARG A 577 -21.06 28.82 5.67
CA ARG A 577 -19.79 29.50 5.80
C ARG A 577 -19.19 29.09 7.14
N LEU A 578 -17.93 28.66 7.07
CA LEU A 578 -17.15 28.36 8.29
C LEU A 578 -16.15 29.50 8.48
N VAL A 579 -16.22 30.18 9.61
CA VAL A 579 -15.22 31.15 10.03
C VAL A 579 -14.34 30.49 11.08
N ALA A 580 -13.07 30.36 10.76
CA ALA A 580 -12.06 29.81 11.68
C ALA A 580 -11.45 31.04 12.41
N LEU A 581 -11.70 31.11 13.69
CA LEU A 581 -11.34 32.31 14.48
C LEU A 581 -9.92 32.18 15.05
N SER A 582 -9.48 30.96 15.32
CA SER A 582 -8.15 30.73 15.87
C SER A 582 -7.61 29.35 15.49
N GLU A 583 -6.29 29.22 15.59
CA GLU A 583 -5.58 27.95 15.44
C GLU A 583 -5.33 27.35 16.81
N GLN A 584 -5.20 26.02 16.89
CA GLN A 584 -5.05 25.35 18.18
C GLN A 584 -3.97 25.92 19.11
N THR A 585 -2.82 26.30 18.57
CA THR A 585 -1.72 26.87 19.38
C THR A 585 -1.19 28.19 18.82
N GLY A 586 -2.03 28.95 18.17
CA GLY A 586 -1.70 30.30 17.84
C GLY A 586 -0.93 30.51 16.55
N HIS A 587 -0.84 29.49 15.70
CA HIS A 587 -0.16 29.69 14.38
C HIS A 587 -1.00 30.46 13.39
N LYS A 588 -0.39 30.82 12.26
CA LYS A 588 -0.94 31.80 11.36
C LYS A 588 -1.95 31.24 10.36
N TYR A 589 -1.81 29.96 10.05
CA TYR A 589 -2.53 29.36 8.91
C TYR A 589 -3.61 28.36 9.36
N ALA A 590 -4.55 28.15 8.44
CA ALA A 590 -5.63 27.15 8.58
C ALA A 590 -5.50 26.17 7.42
N ALA A 591 -5.75 24.91 7.76
CA ALA A 591 -5.91 23.85 6.77
C ALA A 591 -7.06 22.91 7.16
N VAL A 592 -7.86 22.48 6.15
CA VAL A 592 -9.02 21.65 6.35
C VAL A 592 -9.02 20.58 5.24
N ALA A 593 -9.10 19.34 5.66
CA ALA A 593 -9.15 18.21 4.72
C ALA A 593 -10.52 18.01 4.08
N GLU A 594 -11.59 18.14 4.86
CA GLU A 594 -12.91 17.85 4.36
C GLU A 594 -13.95 18.62 5.16
N LEU A 595 -14.97 19.11 4.44
CA LEU A 595 -16.20 19.68 5.07
C LEU A 595 -17.37 18.95 4.48
N GLU A 596 -18.24 18.46 5.33
CA GLU A 596 -19.48 17.81 4.90
C GLU A 596 -20.63 18.54 5.57
N VAL A 597 -21.79 18.54 4.94
CA VAL A 597 -22.95 19.31 5.43
C VAL A 597 -24.04 18.31 5.81
N GLU A 598 -24.56 18.37 7.04
CA GLU A 598 -25.67 17.54 7.54
C GLU A 598 -26.98 18.13 7.02
N GLY A 599 -27.71 17.38 6.19
CA GLY A 599 -28.91 17.94 5.60
C GLY A 599 -29.63 16.92 4.75
N GLN A 600 -30.79 17.32 4.25
CA GLN A 600 -31.67 16.44 3.48
C GLN A 600 -31.38 16.72 2.03
N ARG A 601 -31.03 15.68 1.25
CA ARG A 601 -30.80 15.87 -0.17
C ARG A 601 -32.02 16.15 -1.07
C1 GLC B . 10.09 22.93 7.96
C2 GLC B . 9.09 23.65 8.86
C3 GLC B . 7.69 23.12 8.57
C4 GLC B . 7.41 23.18 7.06
C5 GLC B . 8.39 22.20 6.39
C6 GLC B . 8.21 22.02 4.89
O1 GLC B . 11.30 22.44 8.49
O2 GLC B . 9.34 23.37 10.21
O3 GLC B . 6.77 23.87 9.32
O4 GLC B . 6.07 22.79 6.84
O5 GLC B . 9.74 22.65 6.61
O6 GLC B . 7.96 20.67 4.54
C1 GAL B . 5.25 23.50 5.94
C2 GAL B . 3.97 22.71 5.61
C3 GAL B . 3.13 23.52 4.63
C4 GAL B . 2.86 24.88 5.24
C5 GAL B . 4.20 25.55 5.59
C6 GAL B . 3.99 26.91 6.23
O2 GAL B . 4.29 21.48 5.00
O3 GAL B . 1.94 22.84 4.20
O4 GAL B . 2.08 24.71 6.39
O5 GAL B . 4.90 24.74 6.53
O6 GAL B . 5.22 27.55 6.43
C1 CIT C . 12.03 1.12 6.59
O1 CIT C . 11.66 0.33 7.50
O2 CIT C . 11.18 1.89 6.00
C2 CIT C . 13.49 1.12 6.18
C3 CIT C . 14.28 2.24 6.80
O7 CIT C . 14.11 2.22 8.24
C4 CIT C . 15.76 2.20 6.40
C5 CIT C . 16.42 0.92 6.93
O3 CIT C . 16.47 0.86 8.18
O4 CIT C . 16.95 0.11 6.14
C6 CIT C . 13.85 3.57 6.30
O5 CIT C . 13.87 4.54 7.09
O6 CIT C . 13.55 3.65 5.09
C1 GOL D . 19.71 0.60 2.96
O1 GOL D . 20.26 -0.02 4.15
C2 GOL D . 18.35 1.28 3.30
O2 GOL D . 17.25 0.32 3.45
C3 GOL D . 17.85 2.25 2.18
O3 GOL D . 16.53 2.71 2.62
C1 GOL E . 13.11 2.42 2.37
O1 GOL E . 14.32 1.59 2.59
C2 GOL E . 13.19 3.80 1.58
O2 GOL E . 14.48 4.19 1.05
C3 GOL E . 12.70 5.03 2.37
O3 GOL E . 12.17 6.07 1.50
C1 GOL F . 13.57 -4.40 -24.82
O1 GOL F . 13.18 -5.13 -23.61
C2 GOL F . 15.11 -4.18 -24.94
O2 GOL F . 15.55 -4.36 -26.31
C3 GOL F . 15.95 -5.13 -24.02
O3 GOL F . 17.10 -4.46 -23.47
C1 GOL G . 10.32 -3.70 12.75
O1 GOL G . 11.38 -4.64 13.09
C2 GOL G . 10.96 -2.35 12.33
O2 GOL G . 10.86 -1.42 13.41
C3 GOL G . 10.40 -1.70 11.03
O3 GOL G . 9.11 -1.06 11.09
NA NA H . -10.13 16.81 0.68
#